data_7BLU
#
_entry.id   7BLU
#
_cell.length_a   59.900
_cell.length_b   72.330
_cell.length_c   78.280
_cell.angle_alpha   90.000
_cell.angle_beta   90.000
_cell.angle_gamma   90.000
#
_symmetry.space_group_name_H-M   'P 21 21 21'
#
loop_
_entity.id
_entity.type
_entity.pdbx_description
1 polymer 'Palmitoleoyl-protein carboxylesterase NOTUM'
2 non-polymer 'SULFATE ION'
3 non-polymer 2-acetamido-2-deoxy-beta-D-glucopyranose
4 non-polymer 'DIMETHYL SULFOXIDE'
5 non-polymer GLYCEROL
6 non-polymer 4,5-bis(chloranyl)-3-nitro-1~{H}-pyridazin-6-one
7 water water
#
_entity_poly.entity_id   1
_entity_poly.type   'polypeptide(L)'
_entity_poly.pdbx_seq_one_letter_code
;ETGSAQQLNEDLRLHLLLNTSVTCNDGSPAGYYLKESRGSRRWLLFLEGGWYCFNRENCDSRYDTMRRLMSSRDWPRTRT
GTGILSSQPEENPYWWNANMVFIPYCSSDVWSGASSKSEKNEYAFMGALIIQEVVRELLGRGLSGAKVLLLAGSSAGGTG
VLLNVDRVAEQLEKLGYPAIQVRGLADSGWFLDNKQYRHTDCVDTITCAPTEAIRRGIRYWNGVVPERCRRQFQEGEEWN
CFFGYKVYPTLRSPVFVVQWLFDEAQLTVDNVHLTGQPVQEGLRLYIQNLGRELRHTLKDVPASFAPACLSHEIIIRSHW
TDVQVKGTSLPRALHCWDRSLHDSHKASKTPLKGCPVHLVDSCPWPHCNPSCPTGTKHHHHHH
;
_entity_poly.pdbx_strand_id   A
#
loop_
_chem_comp.id
_chem_comp.type
_chem_comp.name
_chem_comp.formula
DMS non-polymer 'DIMETHYL SULFOXIDE' 'C2 H6 O S'
GOL non-polymer GLYCEROL 'C3 H8 O3'
NAG D-saccharide, beta linking 2-acetamido-2-deoxy-beta-D-glucopyranose 'C8 H15 N O6'
SO4 non-polymer 'SULFATE ION' 'O4 S -2'
U2W non-polymer 4,5-bis(chloranyl)-3-nitro-1~{H}-pyridazin-6-one 'C4 H Cl2 N3 O3'
#
# COMPACT_ATOMS: atom_id res chain seq x y z
N ASP A 11 13.56 11.94 13.25
CA ASP A 11 12.19 11.72 13.69
C ASP A 11 11.18 12.53 12.86
N LEU A 12 10.02 11.93 12.68
CA LEU A 12 8.86 12.58 12.08
C LEU A 12 7.91 12.96 13.21
N ARG A 13 7.33 14.15 13.13
CA ARG A 13 6.50 14.71 14.20
C ARG A 13 5.02 14.55 13.85
N LEU A 14 4.23 14.17 14.86
CA LEU A 14 2.79 13.97 14.65
C LEU A 14 2.04 15.28 14.51
N HIS A 15 1.15 15.31 13.51
CA HIS A 15 0.14 16.36 13.37
C HIS A 15 -1.21 15.68 13.26
N LEU A 16 -2.09 15.93 14.22
CA LEU A 16 -3.47 15.48 14.08
C LEU A 16 -4.19 16.39 13.09
N LEU A 17 -5.10 15.80 12.32
CA LEU A 17 -5.77 16.58 11.29
C LEU A 17 -6.53 17.74 11.91
N LEU A 18 -6.39 18.91 11.29
CA LEU A 18 -7.13 20.10 11.75
C LEU A 18 -8.62 19.93 11.53
N ASN A 19 -9.00 19.23 10.47
CA ASN A 19 -10.39 18.87 10.24
C ASN A 19 -10.67 17.62 11.06
N THR A 20 -11.21 17.81 12.26
CA THR A 20 -11.42 16.69 13.17
C THR A 20 -12.62 15.83 12.80
N SER A 21 -13.36 16.15 11.73
CA SER A 21 -14.38 15.26 11.19
CA SER A 21 -14.38 15.23 11.23
C SER A 21 -13.79 14.12 10.37
N VAL A 22 -12.50 14.16 10.08
CA VAL A 22 -11.83 13.11 9.33
C VAL A 22 -11.14 12.26 10.38
N THR A 23 -11.68 11.07 10.66
CA THR A 23 -11.38 10.35 11.88
C THR A 23 -10.89 8.94 11.62
N CYS A 24 -10.17 8.41 12.61
CA CYS A 24 -9.92 6.98 12.75
C CYS A 24 -11.23 6.26 13.05
N ASN A 25 -11.14 4.93 13.15
CA ASN A 25 -12.34 4.10 13.34
C ASN A 25 -13.20 4.55 14.52
N ASP A 26 -12.59 4.90 15.64
CA ASP A 26 -13.34 5.21 16.85
C ASP A 26 -13.73 6.67 16.97
N GLY A 27 -13.55 7.48 15.92
CA GLY A 27 -13.92 8.87 15.95
C GLY A 27 -12.85 9.81 16.43
N SER A 28 -11.70 9.31 16.90
CA SER A 28 -10.58 10.16 17.21
C SER A 28 -9.97 10.70 15.92
N PRO A 29 -9.31 11.86 15.96
CA PRO A 29 -8.79 12.45 14.72
C PRO A 29 -7.72 11.58 14.10
N ALA A 30 -7.76 11.49 12.77
CA ALA A 30 -6.65 10.91 12.05
C ALA A 30 -5.49 11.90 12.03
N GLY A 31 -4.39 11.54 11.38
CA GLY A 31 -3.24 12.42 11.41
C GLY A 31 -2.14 11.92 10.50
N TYR A 32 -0.97 12.56 10.63
CA TYR A 32 0.19 12.20 9.83
C TYR A 32 1.43 12.62 10.60
N TYR A 33 2.54 11.94 10.32
CA TYR A 33 3.85 12.29 10.87
C TYR A 33 4.67 12.92 9.75
N LEU A 34 5.33 14.04 10.04
CA LEU A 34 6.01 14.83 9.02
C LEU A 34 7.42 15.17 9.45
N LYS A 35 8.36 15.02 8.52
CA LYS A 35 9.69 15.61 8.64
C LYS A 35 9.91 16.41 7.37
N GLU A 36 9.94 17.74 7.49
CA GLU A 36 10.17 18.57 6.31
C GLU A 36 11.64 18.59 5.95
N SER A 37 11.90 18.79 4.67
CA SER A 37 13.25 18.96 4.15
C SER A 37 13.19 20.21 3.29
N ARG A 38 13.61 21.34 3.87
CA ARG A 38 13.61 22.62 3.17
C ARG A 38 14.45 22.51 1.91
N GLY A 39 13.99 23.13 0.84
CA GLY A 39 14.76 23.04 -0.37
C GLY A 39 14.43 21.84 -1.25
N SER A 40 14.02 20.71 -0.67
CA SER A 40 13.60 19.59 -1.50
C SER A 40 12.17 19.83 -1.98
N ARG A 41 11.94 19.59 -3.27
CA ARG A 41 10.60 19.61 -3.82
C ARG A 41 10.04 18.20 -4.02
N ARG A 42 10.66 17.20 -3.39
CA ARG A 42 10.15 15.84 -3.40
C ARG A 42 9.39 15.57 -2.12
N TRP A 43 8.20 14.97 -2.24
CA TRP A 43 7.36 14.60 -1.11
C TRP A 43 7.01 13.13 -1.18
N LEU A 44 7.30 12.40 -0.10
CA LEU A 44 6.98 10.98 0.02
C LEU A 44 5.88 10.84 1.05
N LEU A 45 4.72 10.37 0.63
CA LEU A 45 3.59 10.12 1.52
C LEU A 45 3.39 8.62 1.61
N PHE A 46 3.64 8.05 2.79
CA PHE A 46 3.64 6.61 2.97
C PHE A 46 2.40 6.15 3.74
N LEU A 47 1.68 5.19 3.16
CA LEU A 47 0.49 4.58 3.78
C LEU A 47 0.88 3.29 4.53
N GLU A 48 0.71 3.30 5.84
CA GLU A 48 0.91 2.10 6.65
C GLU A 48 -0.12 1.02 6.27
N GLY A 49 0.26 -0.24 6.47
CA GLY A 49 -0.63 -1.37 6.32
C GLY A 49 -1.07 -1.96 7.63
N GLY A 50 -1.73 -3.12 7.52
CA GLY A 50 -2.22 -3.84 8.69
C GLY A 50 -3.60 -4.48 8.53
N TRP A 51 -3.82 -5.20 7.45
CA TRP A 51 -5.05 -5.98 7.20
C TRP A 51 -6.24 -5.02 7.21
N TYR A 52 -7.36 -5.40 7.83
CA TYR A 52 -8.63 -4.69 7.75
C TYR A 52 -9.59 -5.44 8.67
N CYS A 53 -10.77 -4.87 8.87
CA CYS A 53 -11.88 -5.58 9.49
C CYS A 53 -13.13 -5.29 8.68
N PHE A 54 -14.12 -6.18 8.75
CA PHE A 54 -15.24 -6.08 7.82
C PHE A 54 -16.63 -6.30 8.40
N ASN A 55 -16.76 -6.49 9.71
CA ASN A 55 -18.07 -6.50 10.35
C ASN A 55 -17.89 -6.04 11.78
N ARG A 56 -19.00 -5.87 12.49
CA ARG A 56 -18.93 -5.37 13.85
C ARG A 56 -18.11 -6.27 14.75
N GLU A 57 -18.31 -7.59 14.65
CA GLU A 57 -17.64 -8.52 15.54
C GLU A 57 -16.13 -8.54 15.33
N ASN A 58 -15.69 -8.62 14.07
CA ASN A 58 -14.23 -8.66 13.89
C ASN A 58 -13.59 -7.29 14.06
N CYS A 59 -14.32 -6.20 13.82
CA CYS A 59 -13.77 -4.89 14.17
C CYS A 59 -13.66 -4.70 15.68
N ASP A 60 -14.65 -5.22 16.43
CA ASP A 60 -14.59 -5.16 17.89
C ASP A 60 -13.36 -5.89 18.43
N SER A 61 -13.05 -7.05 17.87
N SER A 61 -13.04 -7.06 17.87
CA SER A 61 -11.89 -7.80 18.30
CA SER A 61 -11.86 -7.78 18.35
C SER A 61 -10.61 -7.03 18.00
C SER A 61 -10.59 -7.01 18.01
N ARG A 62 -10.52 -6.46 16.80
CA ARG A 62 -9.38 -5.63 16.43
C ARG A 62 -9.24 -4.43 17.36
N TYR A 63 -10.36 -3.87 17.84
CA TYR A 63 -10.29 -2.72 18.74
C TYR A 63 -9.69 -3.12 20.09
N ASP A 64 -9.82 -4.39 20.46
CA ASP A 64 -9.29 -4.82 21.75
C ASP A 64 -7.79 -5.01 21.73
N THR A 65 -7.22 -5.51 20.63
CA THR A 65 -5.82 -5.89 20.65
C THR A 65 -4.98 -5.27 19.53
N MET A 66 -5.58 -4.43 18.69
CA MET A 66 -4.87 -3.69 17.65
C MET A 66 -5.38 -2.27 17.60
N ARG A 67 -5.53 -1.67 18.79
CA ARG A 67 -6.23 -0.40 18.90
C ARG A 67 -5.50 0.74 18.19
N ARG A 68 -4.17 0.71 18.10
CA ARG A 68 -3.47 1.77 17.38
C ARG A 68 -3.84 1.79 15.91
N LEU A 69 -4.36 0.70 15.38
CA LEU A 69 -4.86 0.63 14.01
C LEU A 69 -6.32 1.06 13.90
N MET A 70 -6.90 1.58 14.98
CA MET A 70 -8.29 1.99 14.98
C MET A 70 -8.52 3.31 15.70
N SER A 71 -7.46 3.97 16.16
CA SER A 71 -7.60 5.10 17.07
C SER A 71 -6.27 5.83 17.13
N SER A 72 -6.33 7.15 17.30
CA SER A 72 -5.12 7.94 17.49
C SER A 72 -4.85 8.26 18.96
N ARG A 73 -5.69 7.77 19.87
CA ARG A 73 -5.61 8.21 21.26
C ARG A 73 -4.26 7.88 21.89
N ASP A 74 -3.62 6.80 21.45
CA ASP A 74 -2.37 6.36 22.08
C ASP A 74 -1.16 6.54 21.15
N TRP A 75 -1.30 7.31 20.08
CA TRP A 75 -0.18 7.48 19.17
C TRP A 75 0.92 8.29 19.85
N PRO A 76 2.18 7.97 19.58
CA PRO A 76 3.28 8.77 20.11
C PRO A 76 3.45 10.07 19.34
N ARG A 77 4.13 11.03 19.98
CA ARG A 77 4.35 12.35 19.41
C ARG A 77 5.28 12.31 18.20
N THR A 78 6.16 11.31 18.15
CA THR A 78 7.14 11.20 17.07
C THR A 78 7.29 9.75 16.66
N ARG A 79 7.86 9.56 15.47
CA ARG A 79 8.26 8.25 14.98
C ARG A 79 9.59 8.42 14.25
N THR A 80 10.37 7.35 14.22
CA THR A 80 11.62 7.34 13.48
C THR A 80 11.36 6.86 12.06
N GLY A 81 11.81 7.65 11.07
CA GLY A 81 11.73 7.22 9.69
C GLY A 81 12.78 6.18 9.38
N THR A 82 12.35 5.07 8.79
CA THR A 82 13.23 3.95 8.49
C THR A 82 13.04 3.52 7.04
N GLY A 83 14.06 2.88 6.49
CA GLY A 83 14.01 2.43 5.11
C GLY A 83 13.85 3.61 4.17
N ILE A 84 12.83 3.51 3.29
CA ILE A 84 12.58 4.60 2.35
C ILE A 84 12.15 5.89 3.05
N LEU A 85 11.76 5.83 4.32
CA LEU A 85 11.46 7.04 5.09
C LEU A 85 12.65 7.55 5.89
N SER A 86 13.82 6.91 5.77
CA SER A 86 15.01 7.41 6.45
C SER A 86 15.58 8.61 5.73
N SER A 87 16.08 9.56 6.51
CA SER A 87 16.76 10.73 5.98
C SER A 87 18.27 10.56 5.91
N GLN A 88 18.79 9.36 6.19
CA GLN A 88 20.22 9.10 6.10
C GLN A 88 20.52 8.46 4.76
N PRO A 89 21.41 9.05 3.94
CA PRO A 89 21.70 8.43 2.63
C PRO A 89 22.23 7.01 2.74
N GLU A 90 22.89 6.68 3.85
CA GLU A 90 23.41 5.32 4.04
C GLU A 90 22.27 4.31 4.06
N GLU A 91 21.14 4.66 4.69
CA GLU A 91 20.00 3.76 4.79
C GLU A 91 19.03 3.92 3.63
N ASN A 92 18.98 5.10 3.02
CA ASN A 92 18.02 5.41 1.98
C ASN A 92 18.76 6.08 0.83
N PRO A 93 19.39 5.30 -0.04
CA PRO A 93 20.09 5.89 -1.19
C PRO A 93 19.17 6.59 -2.16
N TYR A 94 17.86 6.29 -2.09
CA TYR A 94 16.92 6.78 -3.10
C TYR A 94 16.48 8.21 -2.83
N TRP A 95 15.79 8.45 -1.73
CA TRP A 95 15.11 9.73 -1.50
C TRP A 95 15.41 10.29 -0.11
N TRP A 96 16.64 10.15 0.38
CA TRP A 96 16.95 10.55 1.76
C TRP A 96 16.68 12.03 2.03
N ASN A 97 16.71 12.88 1.01
CA ASN A 97 16.53 14.30 1.23
C ASN A 97 15.09 14.78 1.03
N ALA A 98 14.15 13.85 0.83
CA ALA A 98 12.77 14.22 0.56
C ALA A 98 12.06 14.70 1.83
N ASN A 99 10.96 15.43 1.61
CA ASN A 99 9.99 15.65 2.68
C ASN A 99 9.29 14.33 2.95
N MET A 100 9.27 13.91 4.21
CA MET A 100 8.81 12.58 4.58
C MET A 100 7.51 12.66 5.35
N VAL A 101 6.51 11.86 4.93
CA VAL A 101 5.21 11.82 5.59
C VAL A 101 4.83 10.36 5.80
N PHE A 102 4.54 9.99 7.05
CA PHE A 102 4.02 8.68 7.39
C PHE A 102 2.58 8.87 7.82
N ILE A 103 1.64 8.22 7.12
CA ILE A 103 0.22 8.34 7.42
C ILE A 103 -0.20 7.07 8.13
N PRO A 104 -0.46 7.10 9.44
CA PRO A 104 -0.88 5.88 10.13
C PRO A 104 -2.20 5.36 9.59
N TYR A 105 -2.29 4.03 9.55
CA TYR A 105 -3.48 3.33 9.11
C TYR A 105 -4.37 3.13 10.32
N CYS A 106 -5.47 3.88 10.39
CA CYS A 106 -6.38 3.77 11.52
C CYS A 106 -7.83 3.66 11.08
N SER A 107 -8.06 3.23 9.83
CA SER A 107 -9.39 3.12 9.26
C SER A 107 -9.81 1.70 8.90
N SER A 108 -8.88 0.73 8.89
CA SER A 108 -9.23 -0.70 8.79
C SER A 108 -10.01 -1.06 7.52
N ASP A 109 -9.81 -0.30 6.45
CA ASP A 109 -10.66 -0.34 5.26
C ASP A 109 -9.82 -0.39 3.98
N VAL A 110 -8.54 -0.76 4.09
CA VAL A 110 -7.61 -0.80 2.95
C VAL A 110 -7.56 0.58 2.30
N TRP A 111 -7.75 1.63 3.10
CA TRP A 111 -7.67 3.01 2.61
C TRP A 111 -8.78 3.35 1.63
N SER A 112 -9.92 2.68 1.72
CA SER A 112 -10.99 2.84 0.72
C SER A 112 -12.23 3.52 1.24
N GLY A 113 -12.34 3.74 2.55
CA GLY A 113 -13.62 4.09 3.13
C GLY A 113 -13.96 5.56 3.02
N ALA A 114 -15.28 5.82 2.97
CA ALA A 114 -15.81 7.16 3.04
C ALA A 114 -17.11 7.15 3.85
N SER A 115 -17.00 6.81 5.13
N SER A 115 -17.02 6.76 5.12
CA SER A 115 -18.17 6.69 6.02
CA SER A 115 -18.19 6.74 5.99
C SER A 115 -17.80 7.17 7.41
C SER A 115 -17.81 7.17 7.41
N SER A 116 -18.65 8.02 7.99
CA SER A 116 -18.42 8.54 9.33
C SER A 116 -19.13 7.69 10.37
N LYS A 117 -18.62 7.77 11.60
CA LYS A 117 -19.33 7.20 12.73
C LYS A 117 -20.61 8.00 12.97
N SER A 118 -21.72 7.30 13.25
CA SER A 118 -23.04 7.91 13.33
C SER A 118 -23.93 7.03 14.20
N GLU A 119 -25.21 7.41 14.32
CA GLU A 119 -26.17 6.59 15.05
C GLU A 119 -26.35 5.22 14.41
N LYS A 120 -26.00 5.06 13.13
CA LYS A 120 -26.11 3.80 12.42
C LYS A 120 -24.78 3.08 12.25
N ASN A 121 -23.66 3.72 12.60
CA ASN A 121 -22.31 3.19 12.36
C ASN A 121 -21.51 3.25 13.63
N GLU A 122 -21.17 2.08 14.19
CA GLU A 122 -20.32 2.04 15.37
C GLU A 122 -18.93 2.61 15.08
N TYR A 123 -18.42 2.40 13.86
CA TYR A 123 -17.09 2.82 13.48
C TYR A 123 -17.16 3.72 12.25
N ALA A 124 -16.16 4.59 12.14
CA ALA A 124 -15.95 5.37 10.94
C ALA A 124 -14.93 4.66 10.06
N PHE A 125 -15.17 4.62 8.75
CA PHE A 125 -14.21 4.07 7.80
C PHE A 125 -13.91 5.18 6.80
N MET A 126 -12.82 5.90 7.04
CA MET A 126 -12.56 7.13 6.29
C MET A 126 -11.22 7.13 5.56
N GLY A 127 -10.65 5.96 5.25
CA GLY A 127 -9.31 5.92 4.67
C GLY A 127 -9.13 6.79 3.44
N ALA A 128 -10.11 6.77 2.54
CA ALA A 128 -9.96 7.56 1.32
C ALA A 128 -10.00 9.05 1.62
N LEU A 129 -10.82 9.44 2.60
CA LEU A 129 -10.90 10.84 3.01
C LEU A 129 -9.68 11.27 3.83
N ILE A 130 -9.09 10.36 4.60
CA ILE A 130 -7.87 10.68 5.33
C ILE A 130 -6.76 11.09 4.38
N ILE A 131 -6.57 10.31 3.31
CA ILE A 131 -5.51 10.65 2.35
C ILE A 131 -5.78 12.02 1.75
N GLN A 132 -7.02 12.28 1.34
CA GLN A 132 -7.36 13.57 0.74
C GLN A 132 -7.12 14.72 1.73
N GLU A 133 -7.47 14.51 3.00
CA GLU A 133 -7.31 15.58 3.99
C GLU A 133 -5.85 15.82 4.32
N VAL A 134 -5.03 14.77 4.38
CA VAL A 134 -3.60 14.95 4.59
C VAL A 134 -3.01 15.78 3.47
N VAL A 135 -3.33 15.42 2.23
CA VAL A 135 -2.82 16.17 1.08
C VAL A 135 -3.22 17.64 1.16
N ARG A 136 -4.49 17.90 1.48
CA ARG A 136 -4.97 19.28 1.57
C ARG A 136 -4.23 20.06 2.64
N GLU A 137 -4.02 19.48 3.82
CA GLU A 137 -3.35 20.21 4.89
C GLU A 137 -1.86 20.36 4.60
N LEU A 138 -1.24 19.42 3.88
CA LEU A 138 0.17 19.55 3.54
C LEU A 138 0.43 20.68 2.55
N LEU A 139 -0.55 21.01 1.70
CA LEU A 139 -0.35 22.06 0.72
C LEU A 139 0.05 23.37 1.40
N GLY A 140 -0.52 23.65 2.57
CA GLY A 140 -0.14 24.81 3.35
C GLY A 140 1.18 24.70 4.08
N ARG A 141 1.80 23.52 4.07
CA ARG A 141 3.06 23.27 4.76
C ARG A 141 4.23 23.02 3.81
N GLY A 142 4.09 23.40 2.55
CA GLY A 142 5.15 23.26 1.56
C GLY A 142 4.82 22.37 0.39
N LEU A 143 3.80 21.53 0.48
CA LEU A 143 3.49 20.65 -0.64
C LEU A 143 3.10 21.44 -1.89
N SER A 144 2.59 22.66 -1.72
CA SER A 144 2.22 23.49 -2.86
C SER A 144 3.39 23.72 -3.80
N GLY A 145 4.62 23.66 -3.28
CA GLY A 145 5.82 23.85 -4.08
C GLY A 145 6.43 22.57 -4.62
N ALA A 146 5.78 21.44 -4.46
CA ALA A 146 6.38 20.16 -4.84
C ALA A 146 6.48 20.02 -6.35
N LYS A 147 7.49 19.25 -6.77
CA LYS A 147 7.62 18.77 -8.14
C LYS A 147 7.14 17.33 -8.30
N VAL A 148 7.33 16.49 -7.28
CA VAL A 148 6.89 15.10 -7.31
C VAL A 148 6.28 14.76 -5.96
N LEU A 149 5.10 14.15 -5.99
CA LEU A 149 4.48 13.55 -4.81
C LEU A 149 4.44 12.05 -5.09
N LEU A 150 5.22 11.29 -4.34
CA LEU A 150 5.21 9.84 -4.43
C LEU A 150 4.34 9.30 -3.31
N LEU A 151 3.20 8.72 -3.68
CA LEU A 151 2.32 8.05 -2.72
C LEU A 151 2.77 6.60 -2.65
N ALA A 152 3.35 6.21 -1.52
CA ALA A 152 3.89 4.88 -1.31
C ALA A 152 3.11 4.20 -0.20
N GLY A 153 3.26 2.90 -0.08
CA GLY A 153 2.60 2.19 1.00
C GLY A 153 2.96 0.73 0.95
N SER A 154 2.81 0.08 2.10
CA SER A 154 3.13 -1.33 2.24
C SER A 154 1.93 -2.15 2.70
N SER A 155 1.80 -3.35 2.12
CA SER A 155 0.77 -4.32 2.49
CA SER A 155 0.77 -4.32 2.51
C SER A 155 -0.60 -3.72 2.20
N ALA A 156 -1.52 -3.61 3.17
CA ALA A 156 -2.78 -2.95 2.88
C ALA A 156 -2.55 -1.51 2.41
N GLY A 157 -1.45 -0.90 2.84
CA GLY A 157 -1.09 0.43 2.34
C GLY A 157 -0.67 0.41 0.88
N GLY A 158 -0.03 -0.68 0.44
CA GLY A 158 0.28 -0.83 -0.98
C GLY A 158 -0.96 -0.94 -1.83
N THR A 159 -1.93 -1.74 -1.40
CA THR A 159 -3.22 -1.74 -2.08
C THR A 159 -3.86 -0.36 -2.03
N GLY A 160 -3.72 0.31 -0.89
CA GLY A 160 -4.21 1.67 -0.77
C GLY A 160 -3.63 2.64 -1.80
N VAL A 161 -2.35 2.46 -2.15
CA VAL A 161 -1.75 3.29 -3.20
C VAL A 161 -2.50 3.08 -4.51
N LEU A 162 -2.73 1.82 -4.88
CA LEU A 162 -3.43 1.52 -6.12
C LEU A 162 -4.83 2.12 -6.13
N LEU A 163 -5.50 2.12 -4.97
CA LEU A 163 -6.87 2.63 -4.88
C LEU A 163 -6.95 4.15 -4.86
N ASN A 164 -5.86 4.84 -4.51
CA ASN A 164 -5.94 6.27 -4.24
C ASN A 164 -5.02 7.16 -5.07
N VAL A 165 -4.01 6.62 -5.76
CA VAL A 165 -3.04 7.49 -6.43
C VAL A 165 -3.70 8.39 -7.48
N ASP A 166 -4.62 7.85 -8.28
CA ASP A 166 -5.27 8.68 -9.29
C ASP A 166 -6.19 9.72 -8.66
N ARG A 167 -6.78 9.43 -7.50
CA ARG A 167 -7.62 10.42 -6.84
C ARG A 167 -6.79 11.57 -6.28
N VAL A 168 -5.60 11.28 -5.75
CA VAL A 168 -4.69 12.34 -5.33
C VAL A 168 -4.32 13.22 -6.53
N ALA A 169 -4.00 12.59 -7.66
CA ALA A 169 -3.69 13.34 -8.87
C ALA A 169 -4.85 14.25 -9.27
N GLU A 170 -6.07 13.71 -9.22
CA GLU A 170 -7.26 14.49 -9.57
C GLU A 170 -7.50 15.63 -8.57
N GLN A 171 -7.28 15.36 -7.29
CA GLN A 171 -7.47 16.37 -6.25
C GLN A 171 -6.54 17.56 -6.48
N LEU A 172 -5.27 17.29 -6.74
CA LEU A 172 -4.31 18.38 -6.94
C LEU A 172 -4.63 19.16 -8.20
N GLU A 173 -5.04 18.47 -9.27
CA GLU A 173 -5.44 19.16 -10.48
C GLU A 173 -6.62 20.09 -10.22
N LYS A 174 -7.64 19.60 -9.50
CA LYS A 174 -8.82 20.42 -9.24
C LYS A 174 -8.52 21.57 -8.31
N LEU A 175 -7.56 21.41 -7.40
CA LEU A 175 -7.17 22.48 -6.49
C LEU A 175 -6.27 23.53 -7.13
N GLY A 176 -5.85 23.31 -8.37
CA GLY A 176 -5.05 24.28 -9.09
C GLY A 176 -3.56 24.05 -9.04
N TYR A 177 -3.12 22.81 -8.83
CA TYR A 177 -1.70 22.46 -8.79
C TYR A 177 -1.36 21.44 -9.85
N PRO A 178 -1.49 21.77 -11.14
CA PRO A 178 -1.25 20.77 -12.19
C PRO A 178 0.22 20.41 -12.39
N ALA A 179 1.16 21.16 -11.82
CA ALA A 179 2.57 20.88 -12.04
C ALA A 179 3.14 19.82 -11.08
N ILE A 180 2.42 19.47 -10.02
CA ILE A 180 2.89 18.41 -9.13
C ILE A 180 2.68 17.06 -9.81
N GLN A 181 3.76 16.32 -10.00
CA GLN A 181 3.68 15.00 -10.62
C GLN A 181 3.39 13.95 -9.56
N VAL A 182 2.21 13.33 -9.61
CA VAL A 182 1.80 12.32 -8.65
C VAL A 182 2.17 10.95 -9.19
N ARG A 183 2.84 10.13 -8.36
CA ARG A 183 3.26 8.79 -8.74
C ARG A 183 2.97 7.88 -7.57
N GLY A 184 2.92 6.57 -7.83
CA GLY A 184 2.64 5.58 -6.80
C GLY A 184 3.75 4.56 -6.66
N LEU A 185 3.94 4.08 -5.43
CA LEU A 185 4.85 2.98 -5.13
C LEU A 185 4.09 2.00 -4.25
N ALA A 186 3.68 0.88 -4.82
CA ALA A 186 2.83 -0.10 -4.12
C ALA A 186 3.71 -1.28 -3.74
N ASP A 187 3.96 -1.43 -2.43
CA ASP A 187 4.81 -2.50 -1.89
C ASP A 187 3.95 -3.55 -1.21
N SER A 188 4.07 -4.80 -1.65
CA SER A 188 3.42 -5.93 -0.97
C SER A 188 1.91 -5.79 -0.91
N GLY A 189 1.33 -5.13 -1.91
CA GLY A 189 -0.11 -4.96 -1.96
C GLY A 189 -0.72 -5.49 -3.24
N TRP A 190 -0.02 -6.40 -3.92
CA TRP A 190 -0.41 -6.93 -5.23
C TRP A 190 -0.78 -8.39 -5.03
N PHE A 191 -2.07 -8.64 -4.82
CA PHE A 191 -2.56 -9.95 -4.42
C PHE A 191 -3.30 -10.64 -5.56
N LEU A 192 -3.38 -11.96 -5.46
CA LEU A 192 -4.10 -12.77 -6.43
C LEU A 192 -5.36 -13.36 -5.80
N ASP A 193 -6.48 -13.26 -6.52
CA ASP A 193 -7.74 -13.89 -6.12
C ASP A 193 -7.78 -15.33 -6.63
N ASN A 194 -6.83 -16.11 -6.14
CA ASN A 194 -6.57 -17.45 -6.62
C ASN A 194 -7.28 -18.50 -5.79
N LYS A 195 -7.18 -19.76 -6.23
CA LYS A 195 -7.67 -20.91 -5.49
C LYS A 195 -6.78 -21.15 -4.28
N GLN A 196 -7.39 -21.38 -3.11
CA GLN A 196 -6.63 -21.72 -1.91
C GLN A 196 -6.06 -23.14 -2.00
N TYR A 197 -4.94 -23.36 -1.30
CA TYR A 197 -4.38 -24.70 -1.25
C TYR A 197 -5.32 -25.67 -0.53
N ARG A 198 -5.94 -25.21 0.55
CA ARG A 198 -7.09 -25.87 1.19
C ARG A 198 -8.21 -24.86 1.35
N HIS A 199 -9.46 -25.31 1.23
CA HIS A 199 -10.64 -24.46 1.04
C HIS A 199 -11.53 -24.44 2.28
N THR A 200 -12.20 -23.29 2.47
CA THR A 200 -13.27 -23.15 3.45
C THR A 200 -14.26 -22.09 2.97
N ASP A 201 -15.56 -22.37 3.14
CA ASP A 201 -16.59 -21.39 2.85
C ASP A 201 -16.53 -20.24 3.86
N CYS A 202 -16.98 -19.06 3.44
CA CYS A 202 -16.94 -17.87 4.29
C CYS A 202 -18.05 -17.95 5.33
N VAL A 203 -17.76 -18.62 6.44
CA VAL A 203 -18.70 -18.74 7.54
C VAL A 203 -18.29 -17.91 8.76
N ASP A 204 -17.00 -17.61 8.92
CA ASP A 204 -16.54 -16.70 9.95
C ASP A 204 -15.33 -15.94 9.39
N THR A 205 -14.61 -15.24 10.27
CA THR A 205 -13.50 -14.40 9.82
C THR A 205 -12.37 -15.24 9.22
N ILE A 206 -11.97 -16.30 9.93
CA ILE A 206 -10.82 -17.10 9.48
C ILE A 206 -11.10 -17.75 8.15
N THR A 207 -12.30 -18.29 7.97
CA THR A 207 -12.61 -19.06 6.76
C THR A 207 -12.94 -18.19 5.57
N CYS A 208 -13.04 -16.87 5.73
CA CYS A 208 -13.51 -15.99 4.67
C CYS A 208 -12.34 -15.53 3.80
N ALA A 209 -12.39 -15.87 2.51
CA ALA A 209 -11.37 -15.47 1.55
C ALA A 209 -11.43 -13.97 1.29
N PRO A 210 -10.31 -13.36 0.86
CA PRO A 210 -10.29 -11.90 0.70
C PRO A 210 -11.33 -11.36 -0.26
N THR A 211 -11.66 -12.09 -1.34
CA THR A 211 -12.68 -11.57 -2.25
C THR A 211 -14.00 -11.37 -1.54
N GLU A 212 -14.38 -12.33 -0.69
CA GLU A 212 -15.65 -12.21 0.03
C GLU A 212 -15.54 -11.22 1.19
N ALA A 213 -14.41 -11.22 1.90
CA ALA A 213 -14.22 -10.25 2.97
C ALA A 213 -14.23 -8.83 2.42
N ILE A 214 -13.60 -8.61 1.27
CA ILE A 214 -13.58 -7.28 0.66
C ILE A 214 -14.95 -6.90 0.12
N ARG A 215 -15.66 -7.85 -0.49
CA ARG A 215 -17.02 -7.56 -0.93
C ARG A 215 -17.89 -7.10 0.22
N ARG A 216 -17.80 -7.80 1.36
CA ARG A 216 -18.55 -7.37 2.54
C ARG A 216 -18.00 -6.06 3.09
N GLY A 217 -16.67 -5.91 3.12
CA GLY A 217 -16.07 -4.71 3.63
C GLY A 217 -16.50 -3.46 2.88
N ILE A 218 -16.50 -3.52 1.54
CA ILE A 218 -16.89 -2.36 0.75
C ILE A 218 -18.26 -1.84 1.19
N ARG A 219 -19.21 -2.75 1.45
CA ARG A 219 -20.53 -2.34 1.90
C ARG A 219 -20.47 -1.75 3.30
N TYR A 220 -19.71 -2.37 4.20
CA TYR A 220 -19.60 -1.94 5.58
C TYR A 220 -18.88 -0.61 5.70
N TRP A 221 -17.91 -0.36 4.81
CA TRP A 221 -17.08 0.82 4.88
C TRP A 221 -17.59 1.97 4.05
N ASN A 222 -18.58 1.74 3.17
CA ASN A 222 -18.83 2.64 2.05
C ASN A 222 -17.54 2.84 1.24
N GLY A 223 -16.93 1.73 0.85
CA GLY A 223 -15.64 1.79 0.18
C GLY A 223 -15.75 2.32 -1.24
N VAL A 224 -14.72 3.04 -1.65
CA VAL A 224 -14.67 3.62 -2.98
C VAL A 224 -13.43 3.11 -3.70
N VAL A 225 -13.56 2.98 -5.01
CA VAL A 225 -12.49 2.46 -5.86
C VAL A 225 -12.25 3.45 -7.00
N PRO A 226 -11.13 3.36 -7.72
CA PRO A 226 -10.87 4.32 -8.80
C PRO A 226 -11.94 4.25 -9.87
N GLU A 227 -12.22 5.42 -10.48
CA GLU A 227 -13.41 5.57 -11.32
C GLU A 227 -13.39 4.65 -12.54
N ARG A 228 -12.29 4.59 -13.28
CA ARG A 228 -12.28 3.77 -14.48
C ARG A 228 -12.47 2.29 -14.13
N CYS A 229 -11.82 1.83 -13.06
CA CYS A 229 -12.02 0.45 -12.64
C CYS A 229 -13.46 0.21 -12.21
N ARG A 230 -14.05 1.17 -11.46
CA ARG A 230 -15.45 1.08 -11.08
C ARG A 230 -16.35 0.95 -12.30
N ARG A 231 -16.07 1.72 -13.35
CA ARG A 231 -16.94 1.70 -14.53
C ARG A 231 -16.81 0.39 -15.29
N GLN A 232 -15.65 -0.26 -15.23
CA GLN A 232 -15.47 -1.56 -15.88
C GLN A 232 -16.26 -2.65 -15.16
N PHE A 233 -16.11 -2.73 -13.84
CA PHE A 233 -16.65 -3.86 -13.10
C PHE A 233 -18.09 -3.64 -12.64
N GLN A 234 -18.45 -2.38 -12.41
CA GLN A 234 -19.81 -1.94 -12.09
C GLN A 234 -20.32 -2.42 -10.75
N GLU A 235 -21.56 -2.08 -10.43
CA GLU A 235 -22.10 -2.26 -9.10
C GLU A 235 -22.07 -3.72 -8.68
N GLY A 236 -21.69 -3.95 -7.43
CA GLY A 236 -21.59 -5.28 -6.89
C GLY A 236 -20.26 -5.95 -7.14
N GLU A 237 -19.44 -5.43 -8.04
CA GLU A 237 -18.21 -6.07 -8.44
C GLU A 237 -16.99 -5.20 -8.18
N GLU A 238 -17.13 -4.14 -7.39
CA GLU A 238 -16.01 -3.25 -7.12
C GLU A 238 -14.88 -3.92 -6.35
N TRP A 239 -15.16 -5.05 -5.68
CA TRP A 239 -14.10 -5.80 -5.01
C TRP A 239 -12.97 -6.14 -5.96
N ASN A 240 -13.26 -6.29 -7.26
CA ASN A 240 -12.23 -6.63 -8.24
C ASN A 240 -11.12 -5.60 -8.25
N CYS A 241 -11.46 -4.34 -7.95
CA CYS A 241 -10.50 -3.25 -8.01
C CYS A 241 -9.49 -3.27 -6.87
N PHE A 242 -9.66 -4.16 -5.88
CA PHE A 242 -8.66 -4.32 -4.83
C PHE A 242 -7.53 -5.26 -5.24
N PHE A 243 -7.62 -5.85 -6.43
CA PHE A 243 -6.62 -6.79 -6.89
C PHE A 243 -5.76 -6.09 -7.94
N GLY A 244 -4.47 -5.92 -7.62
CA GLY A 244 -3.54 -5.14 -8.41
C GLY A 244 -3.61 -5.40 -9.90
N TYR A 245 -3.60 -6.67 -10.32
CA TYR A 245 -3.55 -6.95 -11.74
C TYR A 245 -4.80 -6.50 -12.48
N LYS A 246 -5.90 -6.27 -11.77
CA LYS A 246 -7.14 -5.77 -12.37
C LYS A 246 -7.25 -4.25 -12.33
N VAL A 247 -6.79 -3.63 -11.25
CA VAL A 247 -6.91 -2.17 -11.14
C VAL A 247 -5.75 -1.45 -11.82
N TYR A 248 -4.53 -2.02 -11.76
CA TYR A 248 -3.38 -1.35 -12.35
C TYR A 248 -3.57 -0.89 -13.79
N PRO A 249 -4.09 -1.72 -14.71
CA PRO A 249 -4.22 -1.27 -16.11
C PRO A 249 -5.17 -0.09 -16.28
N THR A 250 -6.00 0.21 -15.29
CA THR A 250 -6.93 1.33 -15.38
C THR A 250 -6.34 2.64 -14.91
N LEU A 251 -5.15 2.64 -14.31
CA LEU A 251 -4.61 3.82 -13.67
C LEU A 251 -3.81 4.67 -14.65
N ARG A 252 -3.88 5.98 -14.45
CA ARG A 252 -3.14 6.94 -15.27
C ARG A 252 -1.80 7.35 -14.67
N SER A 253 -1.70 7.41 -13.35
CA SER A 253 -0.46 7.83 -12.74
C SER A 253 0.59 6.72 -12.86
N PRO A 254 1.87 7.07 -13.01
CA PRO A 254 2.91 6.04 -12.99
C PRO A 254 2.95 5.36 -11.64
N VAL A 255 3.01 4.02 -11.65
CA VAL A 255 3.05 3.20 -10.44
C VAL A 255 4.15 2.17 -10.55
N PHE A 256 5.03 2.15 -9.56
CA PHE A 256 6.08 1.15 -9.43
C PHE A 256 5.55 0.08 -8.45
N VAL A 257 5.63 -1.18 -8.85
CA VAL A 257 5.07 -2.29 -8.06
C VAL A 257 6.22 -3.11 -7.46
N VAL A 258 6.24 -3.24 -6.14
CA VAL A 258 7.18 -4.11 -5.44
C VAL A 258 6.37 -5.27 -4.87
N GLN A 259 6.74 -6.51 -5.21
CA GLN A 259 5.98 -7.65 -4.69
C GLN A 259 6.86 -8.88 -4.64
N TRP A 260 7.00 -9.47 -3.46
CA TRP A 260 7.63 -10.78 -3.37
C TRP A 260 6.81 -11.78 -4.17
N LEU A 261 7.49 -12.68 -4.88
CA LEU A 261 6.75 -13.68 -5.64
C LEU A 261 6.00 -14.65 -4.73
N PHE A 262 6.50 -14.84 -3.51
CA PHE A 262 5.89 -15.75 -2.55
C PHE A 262 5.56 -14.98 -1.28
N ASP A 263 4.68 -13.99 -1.39
CA ASP A 263 4.37 -13.12 -0.28
C ASP A 263 3.69 -13.90 0.83
N GLU A 264 4.14 -13.68 2.07
CA GLU A 264 3.62 -14.47 3.19
C GLU A 264 2.14 -14.23 3.41
N ALA A 265 1.65 -13.01 3.16
CA ALA A 265 0.23 -12.76 3.34
C ALA A 265 -0.59 -13.50 2.29
N GLN A 266 -0.11 -13.54 1.05
CA GLN A 266 -0.75 -14.33 0.01
C GLN A 266 -0.80 -15.80 0.41
N LEU A 267 0.32 -16.34 0.90
CA LEU A 267 0.31 -17.74 1.30
C LEU A 267 -0.63 -17.98 2.48
N THR A 268 -0.71 -17.02 3.40
CA THR A 268 -1.62 -17.15 4.54
C THR A 268 -3.07 -17.23 4.08
N VAL A 269 -3.50 -16.31 3.21
CA VAL A 269 -4.89 -16.39 2.74
C VAL A 269 -5.13 -17.61 1.88
N ASP A 270 -4.08 -18.16 1.30
CA ASP A 270 -4.17 -19.39 0.53
C ASP A 270 -4.10 -20.64 1.40
N ASN A 271 -3.96 -20.47 2.72
CA ASN A 271 -3.93 -21.59 3.67
C ASN A 271 -2.71 -22.48 3.45
N VAL A 272 -1.57 -21.84 3.18
CA VAL A 272 -0.28 -22.52 3.10
C VAL A 272 0.51 -22.14 4.34
N HIS A 273 0.84 -23.12 5.17
CA HIS A 273 1.54 -22.84 6.43
C HIS A 273 2.82 -23.66 6.55
N VAL A 279 8.21 -30.77 1.82
CA VAL A 279 7.11 -30.34 0.96
C VAL A 279 6.79 -31.41 -0.07
N GLN A 280 5.54 -31.87 -0.10
CA GLN A 280 5.15 -32.91 -1.02
C GLN A 280 4.71 -32.32 -2.36
N GLU A 281 4.44 -33.21 -3.32
CA GLU A 281 4.27 -32.79 -4.71
C GLU A 281 3.13 -31.78 -4.89
N GLY A 282 1.99 -32.03 -4.24
CA GLY A 282 0.85 -31.13 -4.44
C GLY A 282 1.16 -29.72 -4.00
N LEU A 283 1.80 -29.58 -2.83
CA LEU A 283 2.14 -28.24 -2.34
C LEU A 283 3.29 -27.63 -3.14
N ARG A 284 4.25 -28.44 -3.57
CA ARG A 284 5.32 -27.93 -4.43
C ARG A 284 4.75 -27.32 -5.70
N LEU A 285 3.85 -28.04 -6.36
CA LEU A 285 3.25 -27.53 -7.59
C LEU A 285 2.42 -26.28 -7.30
N TYR A 286 1.71 -26.26 -6.18
CA TYR A 286 0.92 -25.08 -5.81
C TYR A 286 1.81 -23.85 -5.66
N ILE A 287 2.91 -23.99 -4.92
CA ILE A 287 3.82 -22.87 -4.71
C ILE A 287 4.46 -22.42 -6.01
N GLN A 288 4.90 -23.36 -6.84
CA GLN A 288 5.51 -23.00 -8.11
C GLN A 288 4.52 -22.28 -9.00
N ASN A 289 3.27 -22.76 -9.02
CA ASN A 289 2.24 -22.13 -9.82
C ASN A 289 1.95 -20.72 -9.34
N LEU A 290 1.94 -20.50 -8.01
CA LEU A 290 1.71 -19.17 -7.46
C LEU A 290 2.77 -18.20 -7.95
N GLY A 291 4.05 -18.58 -7.85
CA GLY A 291 5.10 -17.71 -8.34
C GLY A 291 5.00 -17.44 -9.84
N ARG A 292 4.66 -18.47 -10.61
CA ARG A 292 4.49 -18.27 -12.05
C ARG A 292 3.32 -17.35 -12.36
N GLU A 293 2.22 -17.46 -11.61
CA GLU A 293 1.08 -16.57 -11.84
C GLU A 293 1.43 -15.14 -11.47
N LEU A 294 2.11 -14.95 -10.34
N LEU A 294 2.11 -14.94 -10.34
CA LEU A 294 2.51 -13.60 -9.95
CA LEU A 294 2.51 -13.59 -9.96
C LEU A 294 3.42 -12.99 -11.01
C LEU A 294 3.42 -12.99 -11.01
N ARG A 295 4.44 -13.73 -11.43
CA ARG A 295 5.32 -13.27 -12.51
C ARG A 295 4.52 -12.90 -13.75
N HIS A 296 3.54 -13.73 -14.12
CA HIS A 296 2.74 -13.44 -15.30
C HIS A 296 2.00 -12.12 -15.18
N THR A 297 1.43 -11.83 -13.99
CA THR A 297 0.69 -10.58 -13.83
C THR A 297 1.58 -9.35 -13.91
N LEU A 298 2.89 -9.50 -13.74
CA LEU A 298 3.84 -8.39 -13.80
C LEU A 298 4.49 -8.24 -15.16
N LYS A 299 4.18 -9.13 -16.11
CA LYS A 299 4.87 -9.12 -17.39
C LYS A 299 4.78 -7.75 -18.06
N ASP A 300 3.61 -7.12 -17.99
CA ASP A 300 3.37 -5.83 -18.64
C ASP A 300 3.31 -4.67 -17.64
N VAL A 301 3.99 -4.84 -16.51
CA VAL A 301 4.16 -3.75 -15.54
C VAL A 301 5.59 -3.27 -15.70
N PRO A 302 5.83 -2.16 -16.41
CA PRO A 302 7.23 -1.81 -16.74
C PRO A 302 8.10 -1.40 -15.56
N ALA A 303 7.53 -0.90 -14.47
CA ALA A 303 8.31 -0.51 -13.30
C ALA A 303 7.91 -1.46 -12.17
N SER A 304 8.75 -2.46 -11.92
CA SER A 304 8.41 -3.48 -10.94
C SER A 304 9.67 -4.13 -10.39
N PHE A 305 9.56 -4.63 -9.17
CA PHE A 305 10.65 -5.29 -8.47
C PHE A 305 10.03 -6.47 -7.72
N ALA A 306 10.31 -7.69 -8.17
CA ALA A 306 9.61 -8.88 -7.70
C ALA A 306 10.58 -10.01 -7.47
N PRO A 307 11.19 -10.06 -6.29
CA PRO A 307 12.17 -11.11 -5.98
C PRO A 307 11.50 -12.41 -5.58
N ALA A 308 12.18 -13.51 -5.90
CA ALA A 308 11.69 -14.86 -5.61
C ALA A 308 12.02 -15.23 -4.18
N CYS A 309 11.26 -14.62 -3.25
CA CYS A 309 11.45 -14.82 -1.82
C CYS A 309 10.12 -15.03 -1.14
N LEU A 310 10.16 -15.82 -0.06
CA LEU A 310 9.05 -15.95 0.87
C LEU A 310 9.30 -14.94 1.97
N SER A 311 8.51 -13.88 1.99
CA SER A 311 8.78 -12.83 2.96
C SER A 311 7.51 -12.06 3.25
N HIS A 312 7.50 -11.47 4.44
CA HIS A 312 6.57 -10.42 4.81
C HIS A 312 7.26 -9.07 4.97
N GLU A 313 8.54 -8.97 4.59
CA GLU A 313 9.32 -7.76 4.84
C GLU A 313 8.95 -6.61 3.91
N ILE A 314 9.10 -5.38 4.40
CA ILE A 314 8.54 -4.18 3.77
C ILE A 314 9.63 -3.11 3.56
N ILE A 315 9.35 -2.14 2.67
CA ILE A 315 10.28 -1.09 2.24
C ILE A 315 10.58 -0.01 3.28
N ILE A 316 9.93 -0.02 4.42
CA ILE A 316 10.35 0.85 5.49
C ILE A 316 11.28 0.13 6.47
N ARG A 317 11.71 -1.08 6.16
CA ARG A 317 12.70 -1.74 7.02
C ARG A 317 14.09 -1.20 6.72
N SER A 318 14.93 -1.20 7.75
CA SER A 318 16.21 -0.51 7.65
C SER A 318 17.14 -1.17 6.64
N HIS A 319 17.04 -2.49 6.44
CA HIS A 319 17.90 -3.20 5.50
C HIS A 319 17.25 -3.41 4.13
N TRP A 320 16.32 -2.54 3.75
CA TRP A 320 15.65 -2.69 2.47
C TRP A 320 16.61 -2.63 1.29
N THR A 321 17.81 -2.10 1.48
CA THR A 321 18.79 -1.96 0.41
C THR A 321 19.43 -3.28 0.00
N ASP A 322 19.26 -4.35 0.79
CA ASP A 322 20.08 -5.55 0.62
C ASP A 322 19.62 -6.45 -0.51
N VAL A 323 18.33 -6.52 -0.80
N VAL A 323 18.33 -6.48 -0.82
CA VAL A 323 17.83 -7.46 -1.79
CA VAL A 323 17.77 -7.39 -1.81
C VAL A 323 18.11 -6.92 -3.19
C VAL A 323 18.11 -6.89 -3.20
N GLN A 324 18.47 -7.82 -4.10
CA GLN A 324 18.75 -7.47 -5.49
C GLN A 324 18.05 -8.48 -6.39
N VAL A 325 17.62 -7.99 -7.55
CA VAL A 325 17.11 -8.82 -8.63
C VAL A 325 18.00 -8.56 -9.84
N LYS A 326 18.58 -9.61 -10.39
CA LYS A 326 19.48 -9.47 -11.54
C LYS A 326 20.61 -8.49 -11.25
N GLY A 327 21.05 -8.44 -10.00
CA GLY A 327 22.14 -7.56 -9.60
C GLY A 327 21.77 -6.12 -9.29
N THR A 328 20.48 -5.78 -9.28
CA THR A 328 20.03 -4.41 -9.05
C THR A 328 19.19 -4.35 -7.78
N SER A 329 19.52 -3.42 -6.88
CA SER A 329 18.75 -3.23 -5.65
C SER A 329 17.49 -2.41 -5.93
N LEU A 330 16.55 -2.44 -4.97
CA LEU A 330 15.34 -1.62 -5.12
C LEU A 330 15.64 -0.13 -5.10
N PRO A 331 16.47 0.42 -4.20
CA PRO A 331 16.79 1.84 -4.31
C PRO A 331 17.36 2.23 -5.65
N ARG A 332 18.19 1.36 -6.25
CA ARG A 332 18.67 1.65 -7.60
C ARG A 332 17.54 1.63 -8.61
N ALA A 333 16.69 0.60 -8.57
CA ALA A 333 15.58 0.53 -9.52
C ALA A 333 14.67 1.75 -9.41
N LEU A 334 14.43 2.22 -8.19
CA LEU A 334 13.59 3.41 -8.00
C LEU A 334 14.26 4.65 -8.59
N HIS A 335 15.59 4.77 -8.40
CA HIS A 335 16.34 5.85 -9.02
C HIS A 335 16.25 5.78 -10.54
N CYS A 336 16.38 4.57 -11.10
CA CYS A 336 16.24 4.41 -12.55
C CYS A 336 14.84 4.80 -13.02
N TRP A 337 13.81 4.48 -12.21
CA TRP A 337 12.46 4.89 -12.52
C TRP A 337 12.34 6.40 -12.56
N ASP A 338 12.92 7.09 -11.56
CA ASP A 338 12.96 8.55 -11.58
C ASP A 338 13.56 9.08 -12.88
N ARG A 339 14.70 8.50 -13.28
CA ARG A 339 15.34 8.93 -14.53
C ARG A 339 14.44 8.68 -15.73
N SER A 340 13.75 7.53 -15.75
CA SER A 340 12.88 7.19 -16.87
C SER A 340 11.69 8.15 -17.00
N LEU A 341 11.32 8.85 -15.94
CA LEU A 341 10.20 9.76 -15.93
C LEU A 341 10.62 11.22 -16.14
N HIS A 342 11.90 11.47 -16.40
CA HIS A 342 12.33 12.81 -16.79
C HIS A 342 11.56 13.31 -18.01
N PRO A 351 14.80 2.74 -23.04
CA PRO A 351 15.42 2.19 -21.82
C PRO A 351 16.79 2.80 -21.55
N LEU A 352 17.24 2.71 -20.31
CA LEU A 352 18.46 3.36 -19.85
C LEU A 352 19.57 2.34 -19.70
N LYS A 353 20.74 2.65 -20.24
CA LYS A 353 21.89 1.76 -20.19
C LYS A 353 22.26 1.47 -18.74
N GLY A 354 22.18 0.20 -18.35
CA GLY A 354 22.58 -0.21 -17.02
C GLY A 354 21.71 0.27 -15.87
N CYS A 355 20.51 0.79 -16.15
CA CYS A 355 19.64 1.35 -15.12
C CYS A 355 18.24 0.79 -15.36
N PRO A 356 18.01 -0.47 -15.01
CA PRO A 356 16.73 -1.11 -15.32
C PRO A 356 15.64 -0.75 -14.32
N VAL A 357 14.40 -0.88 -14.79
CA VAL A 357 13.24 -0.62 -13.95
C VAL A 357 12.30 -1.81 -13.86
N HIS A 358 12.42 -2.81 -14.74
CA HIS A 358 11.58 -4.00 -14.73
C HIS A 358 12.43 -5.16 -14.26
N LEU A 359 12.25 -5.58 -13.01
CA LEU A 359 13.13 -6.55 -12.34
C LEU A 359 12.28 -7.63 -11.69
N VAL A 360 12.00 -8.70 -12.41
CA VAL A 360 11.15 -9.78 -11.94
C VAL A 360 11.97 -11.06 -11.98
N ASP A 361 12.11 -11.73 -10.84
CA ASP A 361 12.85 -12.99 -10.83
C ASP A 361 12.13 -14.03 -11.68
N SER A 362 12.92 -14.91 -12.30
CA SER A 362 12.39 -16.02 -13.07
C SER A 362 12.61 -17.37 -12.40
N CYS A 363 13.37 -17.43 -11.32
CA CYS A 363 13.59 -18.73 -10.70
C CYS A 363 12.36 -19.11 -9.88
N PRO A 364 12.07 -20.41 -9.75
CA PRO A 364 10.71 -20.84 -9.42
C PRO A 364 10.42 -21.21 -7.97
N TRP A 365 11.35 -20.99 -7.02
CA TRP A 365 11.16 -21.47 -5.65
C TRP A 365 11.67 -20.42 -4.68
N PRO A 366 11.00 -20.23 -3.53
CA PRO A 366 11.50 -19.23 -2.58
C PRO A 366 12.96 -19.43 -2.21
N HIS A 367 13.68 -18.32 -2.19
CA HIS A 367 15.09 -18.21 -1.84
C HIS A 367 16.01 -18.76 -2.93
N CYS A 368 15.49 -18.95 -4.15
CA CYS A 368 16.35 -19.20 -5.29
C CYS A 368 17.16 -17.96 -5.62
N ASN A 369 16.71 -16.80 -5.16
CA ASN A 369 17.50 -15.57 -5.17
C ASN A 369 18.33 -15.54 -3.90
N PRO A 370 19.66 -15.53 -3.98
CA PRO A 370 20.48 -15.58 -2.76
C PRO A 370 20.35 -14.36 -1.86
N SER A 371 19.84 -13.22 -2.36
CA SER A 371 19.77 -12.00 -1.58
C SER A 371 18.47 -11.85 -0.80
N CYS A 372 17.61 -12.89 -0.80
CA CYS A 372 16.36 -12.83 -0.08
C CYS A 372 16.60 -12.53 1.41
N PRO A 373 15.65 -11.86 2.06
CA PRO A 373 15.78 -11.60 3.50
C PRO A 373 15.90 -12.92 4.26
N THR A 374 16.76 -12.91 5.28
CA THR A 374 17.00 -14.13 6.05
C THR A 374 15.88 -14.35 7.06
S SO4 B . -2.64 -1.57 20.91
O1 SO4 B . -2.46 -1.12 19.52
O2 SO4 B . -2.88 -0.40 21.74
O3 SO4 B . -3.80 -2.46 20.96
O4 SO4 B . -1.42 -2.27 21.35
C1 NAG C . -13.77 18.18 6.71
C2 NAG C . -14.11 19.18 5.61
C3 NAG C . -15.44 18.84 4.97
C4 NAG C . -15.47 17.38 4.52
C5 NAG C . -15.09 16.46 5.68
C6 NAG C . -14.99 15.01 5.28
C7 NAG C . -13.13 21.41 5.87
C8 NAG C . -13.31 22.77 6.48
N2 NAG C . -14.11 20.54 6.12
O3 NAG C . -15.65 19.69 3.85
O4 NAG C . -16.78 17.04 4.08
O5 NAG C . -13.81 16.85 6.19
O6 NAG C . -13.97 14.82 4.30
O7 NAG C . -12.16 21.12 5.19
S DMS D . 17.85 12.17 -2.68
O DMS D . 16.76 12.67 -1.77
C1 DMS D . 19.18 13.39 -2.73
C2 DMS D . 17.28 12.25 -4.40
S DMS E . 0.92 5.18 15.05
O DMS E . 0.77 4.04 15.99
C1 DMS E . 1.30 4.51 13.41
C2 DMS E . 2.52 5.95 15.42
C1 GOL F . 2.35 3.07 -14.51
O1 GOL F . 2.97 2.00 -13.95
C2 GOL F . 0.92 2.68 -14.97
O2 GOL F . 0.01 2.68 -13.89
C3 GOL F . 0.53 3.70 -16.07
O3 GOL F . 0.52 4.96 -15.51
C04 U2W G . -4.11 -9.61 1.53
C07 U2W G . -3.65 -7.40 3.08
C09 U2W G . -4.69 -7.40 2.16
C11 U2W G . -4.94 -8.51 1.36
N02 U2W G . -4.22 -10.84 0.76
N05 U2W G . -3.12 -9.57 2.40
N06 U2W G . -2.88 -8.48 3.18
O01 U2W G . -3.12 -11.69 0.73
O03 U2W G . -5.20 -11.11 0.18
O08 U2W G . -3.44 -6.46 3.77
CL2 U2W G . -5.70 -5.92 2.04
CL1 U2W G . -6.29 -8.50 0.18
S SO4 H . -22.16 -1.72 13.31
O1 SO4 H . -20.70 -1.73 13.36
O2 SO4 H . -22.62 -0.37 13.08
O3 SO4 H . -22.59 -2.60 12.21
O4 SO4 H . -22.66 -2.23 14.58
S SO4 I . 7.10 -35.82 -3.52
O1 SO4 I . 7.79 -34.66 -2.95
O2 SO4 I . 7.22 -35.77 -4.97
O3 SO4 I . 7.74 -37.04 -3.02
O4 SO4 I . 5.70 -35.80 -3.13
S SO4 J . 3.68 23.08 13.83
O1 SO4 J . 4.54 22.45 12.84
O2 SO4 J . 3.02 24.24 13.25
O3 SO4 J . 2.67 22.13 14.29
O4 SO4 J . 4.49 23.50 14.97
S SO4 K . 0.69 -29.89 3.85
O1 SO4 K . 2.13 -29.74 3.64
O2 SO4 K . 0.09 -28.60 4.16
O3 SO4 K . 0.45 -30.80 4.97
O4 SO4 K . 0.06 -30.46 2.65
#